data_6CYZ
#
_entry.id   6CYZ
#
_cell.length_a   57.350
_cell.length_b   62.700
_cell.length_c   84.630
_cell.angle_alpha   90.000
_cell.angle_beta   104.400
_cell.angle_gamma   90.000
#
_symmetry.space_group_name_H-M   'P 1 21 1'
#
loop_
_entity.id
_entity.type
_entity.pdbx_description
1 polymer 'Homoserine kinase'
2 non-polymer 'PHOSPHOAMINOPHOSPHONIC ACID-ADENYLATE ESTER'
3 non-polymer 'CHLORIDE ION'
4 water water
#
_entity_poly.entity_id   1
_entity_poly.type   'polypeptide(L)'
_entity_poly.pdbx_seq_one_letter_code
;GHMSEVLPAGLATTVLVPASSANLGPGFDSLGIALSLYDEIEVNTTESGLKVAVEGQGAGEVPLDGSHLVVRAIERGLAA
GGAAAPGLIVQCHNKIPHSRGLGSSAAAAVAGLGVANGLLAKAGRAVLSDDVLVQLASEFEGHPDNAAASVLGGAVVSWS
ETSGATPIYAATRLDVHPDIKIVAAIPEEQSSTAHTRVLLPQAVTHVDARFNISRVALLTVALTARPDLLMTATEDRLHQ
PQRASAMPASADVLAYLRSQGVAAVLSGAGPAVLALTTVDLPDSAVKYAEDQGFSLVAMAVSAGVSVR
;
_entity_poly.pdbx_strand_id   A,B
#
loop_
_chem_comp.id
_chem_comp.type
_chem_comp.name
_chem_comp.formula
ANP non-polymer 'PHOSPHOAMINOPHOSPHONIC ACID-ADENYLATE ESTER' 'C10 H17 N6 O12 P3'
CL non-polymer 'CHLORIDE ION' 'Cl -1'
#
# COMPACT_ATOMS: atom_id res chain seq x y z
N SER A 4 -2.97 -4.39 -43.13
CA SER A 4 -1.80 -4.31 -42.25
C SER A 4 -0.66 -5.15 -42.84
N GLU A 5 0.54 -4.60 -42.82
CA GLU A 5 1.70 -5.24 -43.44
C GLU A 5 1.85 -6.68 -42.97
N VAL A 6 1.82 -7.60 -43.94
CA VAL A 6 2.06 -9.01 -43.66
C VAL A 6 3.54 -9.22 -43.41
N LEU A 7 3.87 -9.95 -42.35
CA LEU A 7 5.26 -10.16 -41.99
C LEU A 7 5.96 -11.06 -42.99
N PRO A 8 7.27 -10.91 -43.15
CA PRO A 8 8.04 -11.89 -43.92
C PRO A 8 8.02 -13.26 -43.27
N ALA A 9 8.09 -14.29 -44.11
CA ALA A 9 8.38 -15.64 -43.64
C ALA A 9 9.87 -15.76 -43.30
N GLY A 10 10.18 -16.74 -42.45
CA GLY A 10 11.56 -17.01 -42.10
C GLY A 10 12.08 -16.26 -40.89
N LEU A 11 11.25 -15.48 -40.21
CA LEU A 11 11.65 -14.86 -38.95
C LEU A 11 11.52 -15.85 -37.80
N ALA A 12 12.40 -15.72 -36.81
CA ALA A 12 12.34 -16.55 -35.63
C ALA A 12 12.60 -15.71 -34.39
N THR A 13 11.99 -16.11 -33.27
CA THR A 13 12.21 -15.46 -32.00
C THR A 13 11.92 -16.46 -30.89
N THR A 14 12.62 -16.30 -29.77
CA THR A 14 12.42 -17.14 -28.59
C THR A 14 12.13 -16.26 -27.39
N VAL A 15 11.15 -16.68 -26.59
CA VAL A 15 10.62 -15.87 -25.50
C VAL A 15 10.70 -16.67 -24.20
N LEU A 16 11.08 -15.99 -23.13
CA LEU A 16 11.14 -16.58 -21.80
C LEU A 16 10.27 -15.77 -20.85
N VAL A 17 9.23 -16.41 -20.31
CA VAL A 17 8.22 -15.74 -19.50
C VAL A 17 8.20 -16.41 -18.13
N PRO A 18 8.20 -15.65 -17.03
CA PRO A 18 8.17 -16.28 -15.70
C PRO A 18 6.77 -16.50 -15.18
N ALA A 19 6.66 -17.46 -14.26
CA ALA A 19 5.43 -17.59 -13.48
C ALA A 19 5.25 -16.36 -12.59
N SER A 20 4.09 -16.28 -11.95
CA SER A 20 3.82 -15.17 -11.04
C SER A 20 2.80 -15.60 -10.01
N SER A 21 2.79 -14.87 -8.89
CA SER A 21 1.90 -15.14 -7.78
C SER A 21 1.17 -13.84 -7.43
N ALA A 22 -0.16 -13.89 -7.42
CA ALA A 22 -0.99 -12.71 -7.22
C ALA A 22 -1.51 -12.62 -5.78
N ASN A 23 -1.90 -11.39 -5.40
CA ASN A 23 -2.56 -11.06 -4.14
C ASN A 23 -1.56 -10.89 -3.01
N LEU A 24 -0.69 -11.88 -2.81
CA LEU A 24 0.35 -11.82 -1.78
C LEU A 24 -0.24 -11.46 -0.42
N GLY A 25 -1.40 -12.04 -0.13
CA GLY A 25 -2.10 -11.77 1.10
C GLY A 25 -3.22 -10.78 0.89
N PRO A 26 -3.06 -9.57 1.43
CA PRO A 26 -4.15 -8.58 1.37
C PRO A 26 -4.25 -7.83 0.05
N GLY A 27 -3.26 -7.93 -0.83
CA GLY A 27 -3.25 -7.13 -2.04
C GLY A 27 -4.12 -7.67 -3.14
N PHE A 28 -5.36 -8.02 -2.80
CA PHE A 28 -6.23 -8.73 -3.73
C PHE A 28 -6.42 -7.95 -5.01
N ASP A 29 -6.15 -8.60 -6.15
CA ASP A 29 -6.33 -8.07 -7.49
C ASP A 29 -5.35 -6.96 -7.85
N SER A 30 -4.33 -6.71 -7.03
CA SER A 30 -3.38 -5.63 -7.30
C SER A 30 -1.94 -6.11 -7.28
N LEU A 31 -1.54 -6.77 -6.19
CA LEU A 31 -0.14 -7.16 -6.03
C LEU A 31 0.15 -8.45 -6.77
N GLY A 32 1.37 -8.54 -7.29
CA GLY A 32 1.85 -9.73 -7.95
C GLY A 32 3.36 -9.74 -7.83
N ILE A 33 3.94 -10.90 -8.04
CA ILE A 33 5.39 -11.02 -7.99
C ILE A 33 5.82 -12.08 -8.98
N ALA A 34 6.87 -11.78 -9.75
CA ALA A 34 7.35 -12.68 -10.79
C ALA A 34 8.36 -13.65 -10.20
N LEU A 35 8.21 -14.92 -10.57
CA LEU A 35 8.99 -16.01 -9.99
C LEU A 35 9.81 -16.71 -11.07
N SER A 36 10.96 -17.25 -10.65
CA SER A 36 11.95 -17.80 -11.56
C SER A 36 11.62 -19.25 -11.94
N LEU A 37 10.44 -19.43 -12.50
CA LEU A 37 10.01 -20.68 -13.12
C LEU A 37 9.44 -20.29 -14.48
N TYR A 38 10.00 -20.83 -15.56
CA TYR A 38 9.78 -20.26 -16.88
C TYR A 38 9.12 -21.20 -17.87
N ASP A 39 8.32 -20.61 -18.76
CA ASP A 39 7.95 -21.22 -20.03
C ASP A 39 8.79 -20.59 -21.12
N GLU A 40 9.25 -21.40 -22.06
CA GLU A 40 10.06 -20.92 -23.19
C GLU A 40 9.30 -21.24 -24.47
N ILE A 41 9.07 -20.20 -25.28
CA ILE A 41 8.28 -20.30 -26.49
C ILE A 41 9.13 -19.87 -27.67
N GLU A 42 9.29 -20.75 -28.65
CA GLU A 42 10.02 -20.44 -29.88
C GLU A 42 9.04 -20.40 -31.04
N VAL A 43 9.10 -19.33 -31.84
CA VAL A 43 8.16 -19.12 -32.93
C VAL A 43 8.93 -18.79 -34.20
N ASN A 44 8.43 -19.31 -35.32
CA ASN A 44 8.96 -19.03 -36.65
C ASN A 44 7.79 -18.61 -37.51
N THR A 45 8.01 -17.62 -38.37
CA THR A 45 7.02 -17.29 -39.39
C THR A 45 7.27 -18.16 -40.62
N THR A 46 6.18 -18.56 -41.26
CA THR A 46 6.23 -19.43 -42.43
C THR A 46 5.26 -18.89 -43.47
N GLU A 47 5.26 -19.51 -44.65
CA GLU A 47 4.41 -19.00 -45.72
C GLU A 47 2.93 -19.19 -45.42
N SER A 48 2.56 -20.28 -44.76
CA SER A 48 1.15 -20.52 -44.49
C SER A 48 1.00 -21.48 -43.34
N GLY A 49 -0.20 -21.48 -42.75
CA GLY A 49 -0.56 -22.48 -41.77
C GLY A 49 -0.17 -22.13 -40.36
N LEU A 50 -0.57 -23.03 -39.46
CA LEU A 50 -0.30 -22.90 -38.02
C LEU A 50 -0.02 -24.28 -37.46
N LYS A 51 1.15 -24.43 -36.84
CA LYS A 51 1.49 -25.65 -36.10
C LYS A 51 1.86 -25.27 -34.68
N VAL A 52 1.22 -25.91 -33.71
CA VAL A 52 1.46 -25.67 -32.30
C VAL A 52 1.93 -26.99 -31.70
N ALA A 53 3.11 -26.97 -31.08
CA ALA A 53 3.65 -28.11 -30.37
C ALA A 53 3.90 -27.70 -28.92
N VAL A 54 3.57 -28.59 -27.99
CA VAL A 54 3.64 -28.29 -26.57
C VAL A 54 4.33 -29.44 -25.86
N GLU A 55 5.35 -29.12 -25.09
CA GLU A 55 6.05 -30.08 -24.25
C GLU A 55 6.04 -29.54 -22.82
N GLY A 56 6.01 -30.46 -21.85
CA GLY A 56 6.03 -30.10 -20.45
C GLY A 56 4.66 -29.86 -19.83
N GLN A 57 4.57 -28.88 -18.92
CA GLN A 57 3.34 -28.63 -18.18
C GLN A 57 2.19 -28.30 -19.12
N GLY A 58 1.04 -28.92 -18.86
CA GLY A 58 -0.15 -28.71 -19.66
C GLY A 58 -0.18 -29.48 -20.96
N ALA A 59 0.88 -30.23 -21.28
CA ALA A 59 0.90 -31.00 -22.52
C ALA A 59 -0.28 -31.97 -22.52
N GLY A 60 -1.07 -31.92 -23.59
CA GLY A 60 -2.27 -32.71 -23.67
C GLY A 60 -3.47 -32.08 -23.02
N GLU A 61 -3.30 -30.92 -22.39
CA GLU A 61 -4.39 -30.19 -21.76
C GLU A 61 -4.70 -28.86 -22.42
N VAL A 62 -3.83 -28.38 -23.31
CA VAL A 62 -4.02 -27.09 -23.96
C VAL A 62 -4.39 -27.35 -25.41
N PRO A 63 -5.17 -26.46 -26.04
CA PRO A 63 -5.50 -26.66 -27.45
C PRO A 63 -4.26 -26.52 -28.32
N LEU A 64 -4.25 -27.27 -29.42
CA LEU A 64 -3.16 -27.26 -30.38
C LEU A 64 -3.55 -26.52 -31.66
N ASP A 65 -4.49 -25.59 -31.54
CA ASP A 65 -4.97 -24.84 -32.69
C ASP A 65 -4.88 -23.35 -32.35
N GLY A 66 -5.57 -22.53 -33.15
CA GLY A 66 -5.54 -21.09 -32.99
C GLY A 66 -6.13 -20.59 -31.69
N SER A 67 -6.84 -21.44 -30.95
CA SER A 67 -7.38 -21.05 -29.65
C SER A 67 -6.33 -21.15 -28.55
N HIS A 68 -5.18 -21.78 -28.83
CA HIS A 68 -4.09 -21.78 -27.87
C HIS A 68 -3.79 -20.34 -27.47
N LEU A 69 -3.64 -20.12 -26.17
CA LEU A 69 -3.58 -18.75 -25.65
C LEU A 69 -2.39 -17.99 -26.20
N VAL A 70 -1.25 -18.67 -26.37
CA VAL A 70 -0.07 -18.01 -26.91
C VAL A 70 -0.33 -17.52 -28.33
N VAL A 71 -0.95 -18.36 -29.16
CA VAL A 71 -1.22 -17.95 -30.53
C VAL A 71 -2.17 -16.76 -30.55
N ARG A 72 -3.23 -16.81 -29.74
CA ARG A 72 -4.14 -15.69 -29.65
C ARG A 72 -3.39 -14.42 -29.29
N ALA A 73 -2.43 -14.51 -28.37
CA ALA A 73 -1.69 -13.33 -27.96
C ALA A 73 -0.71 -12.87 -29.04
N ILE A 74 -0.10 -13.82 -29.76
CA ILE A 74 0.73 -13.44 -30.90
C ILE A 74 -0.09 -12.60 -31.88
N GLU A 75 -1.28 -13.10 -32.24
CA GLU A 75 -2.08 -12.39 -33.22
C GLU A 75 -2.54 -11.04 -32.70
N ARG A 76 -2.89 -10.96 -31.41
CA ARG A 76 -3.32 -9.68 -30.84
C ARG A 76 -2.18 -8.67 -30.82
N GLY A 77 -0.97 -9.10 -30.44
CA GLY A 77 0.15 -8.19 -30.41
C GLY A 77 0.55 -7.71 -31.80
N LEU A 78 0.60 -8.64 -32.76
CA LEU A 78 0.89 -8.26 -34.13
C LEU A 78 -0.10 -7.21 -34.63
N ALA A 79 -1.40 -7.46 -34.43
CA ALA A 79 -2.40 -6.48 -34.83
C ALA A 79 -2.14 -5.14 -34.17
N ALA A 80 -1.87 -5.14 -32.86
CA ALA A 80 -1.56 -3.89 -32.17
C ALA A 80 -0.35 -3.20 -32.79
N GLY A 81 0.61 -3.97 -33.30
CA GLY A 81 1.77 -3.45 -33.97
C GLY A 81 1.60 -3.23 -35.46
N GLY A 82 0.37 -3.33 -35.97
CA GLY A 82 0.12 -3.08 -37.37
C GLY A 82 0.63 -4.15 -38.32
N ALA A 83 0.62 -5.41 -37.87
CA ALA A 83 1.22 -6.49 -38.64
C ALA A 83 0.29 -7.69 -38.61
N ALA A 84 0.68 -8.72 -39.36
CA ALA A 84 -0.07 -9.97 -39.42
C ALA A 84 0.91 -11.07 -39.78
N ALA A 85 0.67 -12.25 -39.25
CA ALA A 85 1.60 -13.34 -39.53
C ALA A 85 1.14 -14.12 -40.77
N PRO A 86 2.03 -14.35 -41.73
CA PRO A 86 1.64 -15.17 -42.89
C PRO A 86 1.43 -16.63 -42.53
N GLY A 87 2.14 -17.09 -41.50
CA GLY A 87 2.02 -18.46 -41.04
C GLY A 87 2.98 -18.60 -39.87
N LEU A 88 2.67 -19.56 -39.00
CA LEU A 88 3.36 -19.66 -37.73
C LEU A 88 3.64 -21.10 -37.36
N ILE A 89 4.84 -21.34 -36.82
CA ILE A 89 5.14 -22.54 -36.06
C ILE A 89 5.46 -22.09 -34.64
N VAL A 90 4.82 -22.72 -33.67
CA VAL A 90 4.89 -22.29 -32.27
C VAL A 90 5.23 -23.49 -31.40
N GLN A 91 6.37 -23.44 -30.73
CA GLN A 91 6.81 -24.52 -29.86
C GLN A 91 6.95 -24.03 -28.43
N CYS A 92 6.26 -24.71 -27.51
CA CYS A 92 6.21 -24.32 -26.10
C CYS A 92 6.93 -25.37 -25.27
N HIS A 93 7.88 -24.93 -24.46
CA HIS A 93 8.54 -25.77 -23.46
C HIS A 93 8.17 -25.18 -22.10
N ASN A 94 7.24 -25.84 -21.42
CA ASN A 94 6.58 -25.26 -20.24
C ASN A 94 7.07 -25.91 -18.95
N LYS A 95 7.43 -25.07 -17.98
CA LYS A 95 7.68 -25.54 -16.63
C LYS A 95 6.72 -24.95 -15.60
N ILE A 96 5.87 -24.01 -15.99
CA ILE A 96 4.92 -23.39 -15.06
C ILE A 96 3.71 -24.30 -14.89
N PRO A 97 3.47 -24.84 -13.69
CA PRO A 97 2.31 -25.72 -13.51
C PRO A 97 1.01 -24.96 -13.81
N HIS A 98 0.02 -25.71 -14.31
CA HIS A 98 -1.29 -25.15 -14.61
C HIS A 98 -2.25 -25.35 -13.45
N SER A 99 -3.19 -24.42 -13.32
CA SER A 99 -4.27 -24.51 -12.33
C SER A 99 -3.72 -24.71 -10.91
N ARG A 100 -2.66 -23.98 -10.59
CA ARG A 100 -2.02 -24.10 -9.29
C ARG A 100 -1.85 -22.78 -8.55
N GLY A 101 -2.26 -21.66 -9.13
CA GLY A 101 -2.02 -20.35 -8.55
C GLY A 101 -0.73 -19.69 -8.96
N LEU A 102 -0.05 -20.21 -9.99
CA LEU A 102 1.24 -19.68 -10.43
C LEU A 102 1.16 -18.96 -11.78
N GLY A 103 -0.05 -18.64 -12.23
CA GLY A 103 -0.22 -17.72 -13.34
C GLY A 103 0.16 -18.22 -14.72
N SER A 104 -0.20 -19.45 -15.06
CA SER A 104 0.20 -19.97 -16.36
C SER A 104 -0.57 -19.31 -17.50
N SER A 105 -1.83 -18.95 -17.27
CA SER A 105 -2.61 -18.27 -18.30
C SER A 105 -2.00 -16.90 -18.61
N ALA A 106 -1.68 -16.14 -17.57
CA ALA A 106 -1.10 -14.82 -17.77
C ALA A 106 0.24 -14.92 -18.48
N ALA A 107 1.08 -15.89 -18.08
CA ALA A 107 2.37 -16.07 -18.71
C ALA A 107 2.23 -16.42 -20.19
N ALA A 108 1.23 -17.23 -20.55
CA ALA A 108 1.02 -17.57 -21.95
C ALA A 108 0.66 -16.34 -22.78
N ALA A 109 -0.23 -15.50 -22.25
CA ALA A 109 -0.59 -14.27 -22.97
C ALA A 109 0.62 -13.35 -23.08
N VAL A 110 1.33 -13.15 -21.98
CA VAL A 110 2.51 -12.30 -22.01
C VAL A 110 3.54 -12.85 -22.97
N ALA A 111 3.70 -14.18 -23.01
CA ALA A 111 4.65 -14.80 -23.92
C ALA A 111 4.26 -14.56 -25.38
N GLY A 112 2.99 -14.76 -25.71
CA GLY A 112 2.55 -14.51 -27.07
C GLY A 112 2.75 -13.07 -27.49
N LEU A 113 2.49 -12.14 -26.59
CA LEU A 113 2.75 -10.73 -26.88
C LEU A 113 4.25 -10.47 -27.00
N GLY A 114 5.04 -11.14 -26.17
CA GLY A 114 6.49 -11.07 -26.34
C GLY A 114 6.93 -11.56 -27.70
N VAL A 115 6.37 -12.69 -28.15
CA VAL A 115 6.68 -13.19 -29.48
C VAL A 115 6.37 -12.13 -30.53
N ALA A 116 5.24 -11.44 -30.39
CA ALA A 116 4.89 -10.40 -31.34
C ALA A 116 5.97 -9.32 -31.38
N ASN A 117 6.46 -8.89 -30.22
CA ASN A 117 7.53 -7.89 -30.19
C ASN A 117 8.79 -8.41 -30.84
N GLY A 118 9.10 -9.69 -30.67
CA GLY A 118 10.27 -10.26 -31.33
C GLY A 118 10.13 -10.27 -32.84
N LEU A 119 8.97 -10.68 -33.34
CA LEU A 119 8.76 -10.74 -34.78
C LEU A 119 8.70 -9.33 -35.39
N LEU A 120 8.02 -8.40 -34.71
CA LEU A 120 7.98 -7.03 -35.19
C LEU A 120 9.39 -6.45 -35.33
N ALA A 121 10.23 -6.63 -34.31
CA ALA A 121 11.57 -6.06 -34.33
C ALA A 121 12.37 -6.59 -35.52
N LYS A 122 12.40 -7.92 -35.69
CA LYS A 122 13.17 -8.52 -36.77
C LYS A 122 12.60 -8.20 -38.14
N ALA A 123 11.36 -7.73 -38.22
CA ALA A 123 10.81 -7.18 -39.45
C ALA A 123 11.03 -5.66 -39.56
N GLY A 124 11.84 -5.09 -38.66
CA GLY A 124 12.12 -3.66 -38.72
C GLY A 124 10.93 -2.78 -38.42
N ARG A 125 10.05 -3.21 -37.53
CA ARG A 125 8.89 -2.43 -37.14
C ARG A 125 8.98 -2.11 -35.65
N ALA A 126 8.19 -1.13 -35.22
CA ALA A 126 8.19 -0.72 -33.82
C ALA A 126 7.63 -1.83 -32.95
N VAL A 127 8.23 -2.01 -31.76
CA VAL A 127 7.72 -2.97 -30.79
C VAL A 127 6.69 -2.27 -29.91
N LEU A 128 5.91 -3.06 -29.17
CA LEU A 128 4.95 -2.52 -28.23
C LEU A 128 5.63 -2.19 -26.90
N SER A 129 5.31 -1.01 -26.37
CA SER A 129 5.87 -0.60 -25.08
C SER A 129 5.38 -1.52 -23.96
N ASP A 130 6.12 -1.53 -22.85
CA ASP A 130 5.74 -2.33 -21.70
C ASP A 130 4.32 -1.98 -21.25
N ASP A 131 3.96 -0.70 -21.27
CA ASP A 131 2.60 -0.31 -20.91
C ASP A 131 1.57 -0.98 -21.82
N VAL A 132 1.87 -1.06 -23.12
CA VAL A 132 0.95 -1.74 -24.02
C VAL A 132 0.91 -3.23 -23.73
N LEU A 133 2.07 -3.84 -23.49
CA LEU A 133 2.09 -5.24 -23.10
C LEU A 133 1.20 -5.48 -21.88
N VAL A 134 1.30 -4.61 -20.87
CA VAL A 134 0.48 -4.78 -19.67
C VAL A 134 -0.99 -4.65 -20.01
N GLN A 135 -1.35 -3.62 -20.78
CA GLN A 135 -2.74 -3.44 -21.16
C GLN A 135 -3.29 -4.68 -21.85
N LEU A 136 -2.57 -5.18 -22.87
CA LEU A 136 -3.10 -6.25 -23.70
C LEU A 136 -3.14 -7.58 -22.95
N ALA A 137 -2.11 -7.88 -22.17
CA ALA A 137 -2.11 -9.13 -21.40
C ALA A 137 -3.24 -9.15 -20.38
N SER A 138 -3.46 -8.03 -19.69
CA SER A 138 -4.49 -7.96 -18.65
C SER A 138 -5.87 -8.13 -19.26
N GLU A 139 -6.08 -7.64 -20.49
CA GLU A 139 -7.35 -7.85 -21.16
C GLU A 139 -7.65 -9.33 -21.34
N PHE A 140 -6.62 -10.16 -21.61
CA PHE A 140 -6.85 -11.59 -21.70
C PHE A 140 -7.25 -12.18 -20.36
N GLU A 141 -6.66 -11.68 -19.26
CA GLU A 141 -6.91 -12.23 -17.94
C GLU A 141 -8.18 -11.67 -17.30
N GLY A 142 -8.54 -10.43 -17.63
CA GLY A 142 -9.59 -9.72 -16.93
C GLY A 142 -9.16 -9.00 -15.68
N HIS A 143 -7.87 -9.06 -15.33
CA HIS A 143 -7.32 -8.35 -14.19
C HIS A 143 -5.81 -8.36 -14.32
N PRO A 144 -5.11 -7.33 -13.86
CA PRO A 144 -3.72 -7.12 -14.27
C PRO A 144 -2.62 -7.69 -13.39
N ASP A 145 -2.91 -8.38 -12.29
CA ASP A 145 -1.85 -8.62 -11.31
C ASP A 145 -0.83 -9.65 -11.80
N ASN A 146 -1.28 -10.84 -12.23
CA ASN A 146 -0.34 -11.81 -12.77
C ASN A 146 0.33 -11.28 -14.04
N ALA A 147 -0.46 -10.65 -14.92
CA ALA A 147 0.06 -10.21 -16.22
C ALA A 147 1.15 -9.16 -16.05
N ALA A 148 0.89 -8.13 -15.24
CA ALA A 148 1.91 -7.11 -15.01
C ALA A 148 3.16 -7.73 -14.41
N ALA A 149 3.00 -8.70 -13.52
CA ALA A 149 4.16 -9.35 -12.92
C ALA A 149 5.00 -10.05 -13.99
N SER A 150 4.34 -10.79 -14.88
CA SER A 150 5.08 -11.52 -15.92
C SER A 150 5.72 -10.56 -16.93
N VAL A 151 5.09 -9.42 -17.19
CA VAL A 151 5.66 -8.44 -18.12
C VAL A 151 6.85 -7.72 -17.48
N LEU A 152 6.64 -7.16 -16.29
CA LEU A 152 7.60 -6.23 -15.72
C LEU A 152 8.65 -6.89 -14.84
N GLY A 153 8.36 -8.05 -14.27
CA GLY A 153 9.25 -8.65 -13.30
C GLY A 153 9.15 -8.01 -11.93
N GLY A 154 9.98 -8.51 -11.03
CA GLY A 154 9.99 -8.01 -9.66
C GLY A 154 8.63 -8.23 -8.99
N ALA A 155 8.34 -7.37 -8.02
CA ALA A 155 6.99 -7.27 -7.50
C ALA A 155 6.31 -6.07 -8.13
N VAL A 156 4.99 -6.16 -8.29
CA VAL A 156 4.23 -5.13 -8.98
C VAL A 156 3.05 -4.69 -8.11
N VAL A 157 2.72 -3.41 -8.25
CA VAL A 157 1.43 -2.87 -7.84
C VAL A 157 0.70 -2.57 -9.13
N SER A 158 -0.45 -3.22 -9.33
CA SER A 158 -1.23 -3.02 -10.54
C SER A 158 -2.57 -2.41 -10.16
N TRP A 159 -3.24 -1.83 -11.15
CA TRP A 159 -4.52 -1.18 -10.90
C TRP A 159 -5.23 -1.06 -12.24
N SER A 160 -6.50 -0.70 -12.16
CA SER A 160 -7.35 -0.53 -13.33
C SER A 160 -8.10 0.79 -13.22
N GLU A 161 -8.44 1.35 -14.38
CA GLU A 161 -9.31 2.52 -14.46
C GLU A 161 -10.50 2.18 -15.34
N THR A 162 -11.69 2.53 -14.88
CA THR A 162 -12.91 2.23 -15.61
C THR A 162 -13.83 3.45 -15.73
N THR A 166 -14.18 0.35 -21.87
CA THR A 166 -12.84 -0.20 -22.05
C THR A 166 -11.95 0.08 -20.84
N PRO A 167 -11.76 -0.93 -19.99
CA PRO A 167 -10.93 -0.71 -18.80
C PRO A 167 -9.48 -0.49 -19.18
N ILE A 168 -8.82 0.39 -18.44
CA ILE A 168 -7.39 0.60 -18.58
C ILE A 168 -6.68 -0.16 -17.46
N TYR A 169 -5.62 -0.88 -17.83
CA TYR A 169 -4.81 -1.63 -16.89
C TYR A 169 -3.38 -1.10 -16.91
N ALA A 170 -2.80 -0.95 -15.73
CA ALA A 170 -1.46 -0.40 -15.59
C ALA A 170 -0.83 -0.99 -14.34
N ALA A 171 0.48 -0.80 -14.23
CA ALA A 171 1.21 -1.34 -13.09
C ALA A 171 2.56 -0.64 -13.00
N THR A 172 3.17 -0.75 -11.82
CA THR A 172 4.50 -0.20 -11.56
C THR A 172 5.29 -1.24 -10.76
N ARG A 173 6.60 -1.27 -11.00
CA ARG A 173 7.48 -2.32 -10.48
C ARG A 173 8.14 -1.87 -9.18
N LEU A 174 8.16 -2.75 -8.18
CA LEU A 174 8.86 -2.54 -6.93
C LEU A 174 10.17 -3.32 -6.89
N ASP A 175 11.14 -2.80 -6.14
CA ASP A 175 12.41 -3.49 -5.90
C ASP A 175 12.28 -4.34 -4.64
N VAL A 176 12.12 -5.66 -4.82
CA VAL A 176 11.98 -6.53 -3.66
C VAL A 176 13.27 -6.52 -2.85
N HIS A 177 13.13 -6.47 -1.52
CA HIS A 177 14.28 -6.47 -0.64
C HIS A 177 15.15 -7.69 -0.90
N PRO A 178 16.47 -7.53 -1.01
CA PRO A 178 17.33 -8.69 -1.36
C PRO A 178 17.35 -9.81 -0.32
N ASP A 179 16.99 -9.53 0.94
CA ASP A 179 16.95 -10.57 1.96
C ASP A 179 15.67 -11.40 1.94
N ILE A 180 14.74 -11.12 1.02
CA ILE A 180 13.50 -11.87 0.94
C ILE A 180 13.69 -12.96 -0.11
N LYS A 181 13.46 -14.20 0.28
CA LYS A 181 13.54 -15.33 -0.64
C LYS A 181 12.21 -16.07 -0.60
N ILE A 182 11.75 -16.44 -1.79
CA ILE A 182 10.42 -17.01 -1.96
C ILE A 182 10.55 -18.52 -2.10
N VAL A 183 9.71 -19.24 -1.35
CA VAL A 183 9.56 -20.67 -1.52
C VAL A 183 8.10 -20.92 -1.84
N ALA A 184 7.84 -21.66 -2.91
CA ALA A 184 6.48 -22.02 -3.29
C ALA A 184 6.22 -23.45 -2.85
N ALA A 185 5.11 -23.66 -2.15
CA ALA A 185 4.61 -24.99 -1.82
C ALA A 185 3.57 -25.37 -2.86
N ILE A 186 3.88 -26.33 -3.71
CA ILE A 186 3.07 -26.65 -4.88
C ILE A 186 2.51 -28.05 -4.71
N PRO A 187 1.18 -28.22 -4.63
CA PRO A 187 0.62 -29.58 -4.53
C PRO A 187 0.38 -30.20 -5.90
N GLU A 188 -0.15 -31.42 -5.91
CA GLU A 188 -0.54 -32.08 -7.15
C GLU A 188 -2.03 -31.89 -7.45
N THR A 196 -13.28 -25.68 -8.96
CA THR A 196 -14.11 -24.50 -9.14
C THR A 196 -13.73 -23.40 -8.15
N ARG A 197 -14.06 -22.17 -8.49
CA ARG A 197 -13.70 -21.01 -7.69
C ARG A 197 -14.80 -20.70 -6.66
N VAL A 198 -14.40 -20.49 -5.41
CA VAL A 198 -15.34 -20.09 -4.37
C VAL A 198 -15.92 -18.71 -4.69
N LEU A 199 -17.22 -18.54 -4.41
CA LEU A 199 -17.85 -17.25 -4.58
C LEU A 199 -17.47 -16.34 -3.43
N LEU A 200 -16.81 -15.25 -3.72
CA LEU A 200 -16.44 -14.29 -2.70
C LEU A 200 -17.62 -13.40 -2.36
N PRO A 201 -17.67 -12.86 -1.15
CA PRO A 201 -18.80 -12.00 -0.77
C PRO A 201 -18.89 -10.78 -1.67
N GLN A 202 -20.13 -10.39 -2.00
CA GLN A 202 -20.32 -9.19 -2.80
C GLN A 202 -20.01 -7.93 -1.99
N ALA A 203 -20.30 -7.96 -0.69
CA ALA A 203 -20.05 -6.85 0.21
C ALA A 203 -19.18 -7.31 1.38
N VAL A 204 -18.37 -6.38 1.90
CA VAL A 204 -17.52 -6.63 3.05
C VAL A 204 -17.69 -5.46 4.02
N THR A 205 -17.43 -5.74 5.31
CA THR A 205 -17.54 -4.70 6.32
C THR A 205 -16.49 -3.62 6.09
N HIS A 206 -16.85 -2.38 6.44
CA HIS A 206 -15.87 -1.30 6.41
C HIS A 206 -14.65 -1.65 7.24
N VAL A 207 -14.85 -2.29 8.39
CA VAL A 207 -13.74 -2.66 9.26
C VAL A 207 -12.77 -3.58 8.54
N ASP A 208 -13.30 -4.59 7.83
CA ASP A 208 -12.42 -5.52 7.13
C ASP A 208 -11.74 -4.85 5.93
N ALA A 209 -12.42 -3.92 5.25
CA ALA A 209 -11.77 -3.21 4.16
C ALA A 209 -10.62 -2.35 4.68
N ARG A 210 -10.83 -1.63 5.80
CA ARG A 210 -9.76 -0.83 6.38
C ARG A 210 -8.60 -1.71 6.83
N PHE A 211 -8.91 -2.91 7.31
CA PHE A 211 -7.85 -3.83 7.71
C PHE A 211 -6.93 -4.13 6.55
N ASN A 212 -7.51 -4.59 5.42
CA ASN A 212 -6.70 -4.91 4.26
C ASN A 212 -5.99 -3.68 3.71
N ILE A 213 -6.62 -2.50 3.80
CA ILE A 213 -5.95 -1.28 3.36
C ILE A 213 -4.66 -1.08 4.15
N SER A 214 -4.72 -1.17 5.49
CA SER A 214 -3.51 -0.97 6.27
C SER A 214 -2.47 -2.04 5.94
N ARG A 215 -2.92 -3.27 5.68
CA ARG A 215 -1.97 -4.36 5.48
C ARG A 215 -1.32 -4.31 4.10
N VAL A 216 -2.07 -3.97 3.04
CA VAL A 216 -1.43 -3.91 1.73
C VAL A 216 -0.51 -2.70 1.63
N ALA A 217 -0.91 -1.57 2.22
CA ALA A 217 0.01 -0.45 2.34
C ALA A 217 1.28 -0.86 3.07
N LEU A 218 1.13 -1.61 4.17
CA LEU A 218 2.31 -2.10 4.88
C LEU A 218 3.09 -3.08 4.03
N LEU A 219 2.39 -3.86 3.18
CA LEU A 219 3.06 -4.90 2.42
C LEU A 219 4.04 -4.31 1.40
N THR A 220 3.68 -3.21 0.74
CA THR A 220 4.63 -2.61 -0.18
C THR A 220 5.90 -2.15 0.54
N VAL A 221 5.77 -1.72 1.80
CA VAL A 221 6.94 -1.34 2.59
C VAL A 221 7.73 -2.58 3.02
N ALA A 222 7.03 -3.66 3.39
CA ALA A 222 7.73 -4.85 3.86
C ALA A 222 8.44 -5.57 2.71
N LEU A 223 7.87 -5.50 1.51
CA LEU A 223 8.50 -6.11 0.34
C LEU A 223 9.76 -5.38 -0.08
N THR A 224 9.86 -4.10 0.25
CA THR A 224 10.91 -3.22 -0.27
C THR A 224 11.90 -2.77 0.79
N ALA A 225 11.43 -2.37 1.98
CA ALA A 225 12.27 -1.77 3.00
C ALA A 225 12.26 -2.47 4.35
N ARG A 226 11.14 -3.08 4.78
CA ARG A 226 10.99 -3.62 6.12
C ARG A 226 10.59 -5.09 6.07
N PRO A 227 11.50 -5.98 5.69
CA PRO A 227 11.15 -7.41 5.67
C PRO A 227 10.77 -7.97 7.03
N ASP A 228 11.13 -7.29 8.13
CA ASP A 228 10.74 -7.78 9.46
C ASP A 228 9.23 -7.68 9.69
N LEU A 229 8.50 -6.93 8.86
CA LEU A 229 7.06 -6.78 9.02
C LEU A 229 6.24 -7.69 8.11
N LEU A 230 6.87 -8.68 7.47
CA LEU A 230 6.15 -9.48 6.48
C LEU A 230 4.99 -10.24 7.10
N MET A 231 5.12 -10.71 8.35
CA MET A 231 4.04 -11.45 8.98
C MET A 231 2.79 -10.58 9.10
N THR A 232 2.93 -9.38 9.68
CA THR A 232 1.80 -8.48 9.83
C THR A 232 1.23 -8.08 8.48
N ALA A 233 2.10 -7.80 7.51
CA ALA A 233 1.67 -7.26 6.24
C ALA A 233 1.03 -8.30 5.33
N THR A 234 1.13 -9.60 5.64
CA THR A 234 0.51 -10.62 4.81
C THR A 234 -0.80 -11.14 5.39
N GLU A 235 -1.33 -10.48 6.42
CA GLU A 235 -2.65 -10.81 6.93
C GLU A 235 -3.73 -10.33 5.96
N ASP A 236 -4.83 -11.08 5.89
CA ASP A 236 -5.88 -10.79 4.93
C ASP A 236 -7.22 -11.21 5.51
N ARG A 237 -8.27 -10.43 5.22
CA ARG A 237 -9.62 -10.80 5.60
C ARG A 237 -10.59 -10.83 4.43
N LEU A 238 -10.16 -10.51 3.21
CA LEU A 238 -11.08 -10.38 2.09
C LEU A 238 -11.11 -11.56 1.13
N HIS A 239 -10.19 -12.53 1.23
CA HIS A 239 -10.36 -13.71 0.38
C HIS A 239 -9.80 -15.01 0.93
N GLN A 240 -8.70 -14.95 1.69
CA GLN A 240 -8.11 -16.21 2.14
C GLN A 240 -9.01 -16.94 3.13
N PRO A 241 -9.60 -16.31 4.15
CA PRO A 241 -10.49 -17.07 5.04
C PRO A 241 -11.71 -17.63 4.34
N GLN A 242 -12.25 -16.92 3.35
CA GLN A 242 -13.45 -17.40 2.66
C GLN A 242 -13.15 -18.61 1.79
N ARG A 243 -11.90 -18.77 1.35
CA ARG A 243 -11.51 -19.88 0.51
C ARG A 243 -11.00 -21.09 1.28
N ALA A 244 -10.86 -20.99 2.60
CA ALA A 244 -10.17 -22.02 3.36
C ALA A 244 -10.92 -23.35 3.34
N SER A 245 -12.22 -23.34 3.60
CA SER A 245 -12.94 -24.60 3.80
C SER A 245 -12.97 -25.44 2.52
N ALA A 246 -13.02 -24.81 1.35
CA ALA A 246 -13.02 -25.56 0.10
C ALA A 246 -11.65 -26.06 -0.31
N MET A 247 -10.58 -25.57 0.31
CA MET A 247 -9.21 -26.03 0.04
C MET A 247 -8.50 -26.23 1.37
N PRO A 248 -8.91 -27.25 2.14
CA PRO A 248 -8.39 -27.38 3.50
C PRO A 248 -6.89 -27.60 3.61
N ALA A 249 -6.30 -28.37 2.68
CA ALA A 249 -4.88 -28.68 2.81
C ALA A 249 -4.01 -27.44 2.57
N SER A 250 -4.39 -26.61 1.60
CA SER A 250 -3.69 -25.35 1.41
C SER A 250 -3.85 -24.46 2.64
N ALA A 251 -5.09 -24.35 3.15
CA ALA A 251 -5.34 -23.57 4.34
C ALA A 251 -4.56 -24.12 5.53
N ASP A 252 -4.45 -25.44 5.61
CA ASP A 252 -3.72 -26.09 6.70
C ASP A 252 -2.22 -25.79 6.61
N VAL A 253 -1.64 -25.93 5.42
CA VAL A 253 -0.22 -25.61 5.26
C VAL A 253 0.02 -24.13 5.52
N LEU A 254 -0.87 -23.27 5.02
CA LEU A 254 -0.78 -21.84 5.26
C LEU A 254 -0.82 -21.55 6.76
N ALA A 255 -1.79 -22.12 7.46
CA ALA A 255 -1.92 -21.88 8.90
C ALA A 255 -0.69 -22.39 9.64
N TYR A 256 -0.15 -23.54 9.25
CA TYR A 256 0.99 -24.10 9.94
C TYR A 256 2.23 -23.22 9.77
N LEU A 257 2.50 -22.78 8.54
CA LEU A 257 3.67 -21.96 8.29
C LEU A 257 3.60 -20.66 9.09
N ARG A 258 2.42 -20.02 9.11
CA ARG A 258 2.25 -18.76 9.82
C ARG A 258 2.39 -18.94 11.32
N SER A 259 1.90 -20.07 11.85
CA SER A 259 2.06 -20.34 13.28
C SER A 259 3.53 -20.51 13.65
N GLN A 260 4.40 -20.81 12.68
CA GLN A 260 5.83 -20.93 12.90
C GLN A 260 6.60 -19.67 12.56
N GLY A 261 5.91 -18.55 12.36
CA GLY A 261 6.59 -17.30 12.06
C GLY A 261 6.99 -17.12 10.63
N VAL A 262 6.39 -17.88 9.71
CA VAL A 262 6.72 -17.80 8.29
C VAL A 262 5.59 -17.05 7.59
N ALA A 263 5.95 -15.98 6.89
CA ALA A 263 4.97 -15.17 6.18
C ALA A 263 4.43 -15.92 4.98
N ALA A 264 3.38 -16.70 5.18
CA ALA A 264 2.79 -17.53 4.14
C ALA A 264 1.50 -16.91 3.63
N VAL A 265 1.28 -17.02 2.32
CA VAL A 265 0.09 -16.52 1.66
C VAL A 265 -0.37 -17.52 0.61
N LEU A 266 -1.65 -17.45 0.25
CA LEU A 266 -2.11 -18.16 -0.92
C LEU A 266 -1.46 -17.57 -2.16
N SER A 267 -1.00 -18.45 -3.06
CA SER A 267 -0.53 -18.02 -4.37
C SER A 267 -1.76 -17.77 -5.22
N GLY A 268 -2.14 -16.51 -5.36
CA GLY A 268 -3.38 -16.17 -6.04
C GLY A 268 -4.58 -16.69 -5.28
N ALA A 269 -5.39 -17.51 -5.93
CA ALA A 269 -6.49 -18.19 -5.28
C ALA A 269 -6.10 -19.58 -4.78
N GLY A 270 -4.82 -19.92 -4.80
CA GLY A 270 -4.38 -21.26 -4.47
C GLY A 270 -4.54 -22.20 -5.64
N PRO A 271 -4.31 -23.50 -5.43
CA PRO A 271 -3.97 -24.11 -4.13
C PRO A 271 -2.52 -24.01 -3.69
N ALA A 272 -1.62 -23.53 -4.55
CA ALA A 272 -0.24 -23.35 -4.11
C ALA A 272 -0.18 -22.27 -3.03
N VAL A 273 0.83 -22.39 -2.19
CA VAL A 273 1.07 -21.46 -1.09
C VAL A 273 2.48 -20.91 -1.24
N LEU A 274 2.61 -19.60 -1.05
CA LEU A 274 3.87 -18.90 -1.19
C LEU A 274 4.37 -18.52 0.19
N ALA A 275 5.64 -18.78 0.45
CA ALA A 275 6.30 -18.36 1.68
C ALA A 275 7.31 -17.28 1.33
N LEU A 276 7.13 -16.10 1.91
CA LEU A 276 8.06 -14.98 1.74
C LEU A 276 9.00 -15.03 2.94
N THR A 277 10.19 -15.58 2.75
CA THR A 277 11.03 -15.95 3.88
C THR A 277 12.13 -14.92 4.10
N THR A 278 12.51 -14.77 5.36
CA THR A 278 13.67 -14.01 5.78
C THR A 278 14.78 -14.89 6.34
N VAL A 279 14.46 -16.15 6.65
CA VAL A 279 15.44 -17.18 7.01
C VAL A 279 14.97 -18.45 6.31
N ASP A 280 15.91 -19.39 6.12
CA ASP A 280 15.54 -20.65 5.49
C ASP A 280 14.43 -21.34 6.28
N LEU A 281 13.61 -22.12 5.58
CA LEU A 281 12.51 -22.78 6.25
C LEU A 281 13.04 -23.86 7.18
N PRO A 282 12.45 -24.02 8.37
CA PRO A 282 12.82 -25.17 9.21
C PRO A 282 12.63 -26.49 8.48
N ASP A 283 13.46 -27.46 8.82
CA ASP A 283 13.27 -28.82 8.30
C ASP A 283 11.90 -29.36 8.68
N SER A 284 11.38 -28.96 9.85
CA SER A 284 10.07 -29.42 10.29
C SER A 284 8.99 -28.91 9.35
N ALA A 285 9.05 -27.61 9.02
CA ALA A 285 8.05 -27.04 8.12
C ALA A 285 8.14 -27.70 6.75
N VAL A 286 9.35 -27.94 6.26
CA VAL A 286 9.53 -28.64 4.98
C VAL A 286 8.85 -30.00 5.04
N LYS A 287 9.01 -30.72 6.16
CA LYS A 287 8.41 -32.03 6.28
C LYS A 287 6.89 -31.94 6.40
N TYR A 288 6.39 -30.89 7.07
CA TYR A 288 4.95 -30.76 7.24
C TYR A 288 4.26 -30.52 5.91
N ALA A 289 4.83 -29.64 5.09
CA ALA A 289 4.27 -29.36 3.78
C ALA A 289 4.21 -30.62 2.92
N GLU A 290 5.33 -31.35 2.84
CA GLU A 290 5.37 -32.56 2.02
C GLU A 290 4.36 -33.60 2.51
N ASP A 291 4.21 -33.74 3.83
CA ASP A 291 3.21 -34.67 4.36
C ASP A 291 1.81 -34.33 3.87
N GLN A 292 1.53 -33.06 3.61
CA GLN A 292 0.23 -32.65 3.09
C GLN A 292 0.13 -32.78 1.58
N GLY A 293 1.21 -33.19 0.90
CA GLY A 293 1.21 -33.34 -0.53
C GLY A 293 1.85 -32.22 -1.32
N PHE A 294 2.59 -31.34 -0.66
CA PHE A 294 3.12 -30.14 -1.30
C PHE A 294 4.62 -30.30 -1.51
N SER A 295 5.08 -30.02 -2.72
CA SER A 295 6.51 -29.93 -3.00
C SER A 295 6.98 -28.49 -2.80
N LEU A 296 8.14 -28.34 -2.17
CA LEU A 296 8.68 -27.04 -1.84
C LEU A 296 9.76 -26.66 -2.86
N VAL A 297 9.50 -25.62 -3.63
CA VAL A 297 10.40 -25.16 -4.68
C VAL A 297 10.85 -23.75 -4.32
N ALA A 298 12.16 -23.57 -4.17
CA ALA A 298 12.73 -22.27 -3.91
C ALA A 298 12.88 -21.52 -5.22
N MET A 299 12.44 -20.26 -5.23
CA MET A 299 12.43 -19.46 -6.44
C MET A 299 12.92 -18.07 -6.13
N ALA A 300 13.65 -17.49 -7.06
CA ALA A 300 14.09 -16.11 -6.94
C ALA A 300 13.09 -15.18 -7.62
N VAL A 301 13.03 -13.95 -7.12
CA VAL A 301 12.28 -12.93 -7.83
C VAL A 301 12.90 -12.80 -9.22
N SER A 302 12.04 -12.81 -10.24
CA SER A 302 12.50 -12.87 -11.62
C SER A 302 12.35 -11.52 -12.30
N ALA A 303 13.16 -11.33 -13.34
CA ALA A 303 12.89 -10.27 -14.30
C ALA A 303 11.64 -10.63 -15.10
N GLY A 304 11.18 -9.68 -15.91
CA GLY A 304 10.01 -9.90 -16.73
C GLY A 304 10.33 -10.74 -17.95
N VAL A 305 9.31 -10.87 -18.80
CA VAL A 305 9.44 -11.62 -20.05
C VAL A 305 10.65 -11.11 -20.82
N SER A 306 11.42 -12.05 -21.36
CA SER A 306 12.61 -11.75 -22.16
C SER A 306 12.41 -12.22 -23.59
N VAL A 307 12.78 -11.37 -24.56
CA VAL A 307 12.60 -11.66 -25.97
C VAL A 307 13.94 -11.54 -26.67
N ARG A 308 14.27 -12.53 -27.50
CA ARG A 308 15.48 -12.48 -28.32
C ARG A 308 15.22 -13.06 -29.70
N SER B 4 5.87 4.47 42.42
CA SER B 4 6.62 5.06 41.31
C SER B 4 7.32 6.35 41.74
N GLU B 5 8.60 6.46 41.33
CA GLU B 5 9.44 7.59 41.71
C GLU B 5 8.81 8.93 41.38
N VAL B 6 8.61 9.76 42.42
CA VAL B 6 8.13 11.12 42.21
C VAL B 6 9.25 11.96 41.66
N LEU B 7 8.95 12.73 40.61
CA LEU B 7 9.97 13.56 39.98
C LEU B 7 10.34 14.73 40.88
N PRO B 8 11.57 15.22 40.78
CA PRO B 8 11.91 16.47 41.47
C PRO B 8 11.12 17.65 40.91
N ALA B 9 10.86 18.62 41.77
CA ALA B 9 10.38 19.91 41.28
C ALA B 9 11.55 20.68 40.66
N GLY B 10 11.21 21.60 39.76
CA GLY B 10 12.21 22.43 39.12
C GLY B 10 12.74 21.93 37.79
N LEU B 11 12.22 20.83 37.26
CA LEU B 11 12.57 20.41 35.91
C LEU B 11 11.76 21.19 34.90
N ALA B 12 12.34 21.40 33.71
CA ALA B 12 11.64 22.07 32.63
C ALA B 12 11.90 21.36 31.31
N THR B 13 10.92 21.44 30.42
CA THR B 13 11.06 20.88 29.09
C THR B 13 10.16 21.66 28.15
N THR B 14 10.58 21.76 26.89
CA THR B 14 9.81 22.42 25.84
C THR B 14 9.63 21.43 24.70
N VAL B 15 8.40 21.32 24.20
CA VAL B 15 8.05 20.31 23.20
C VAL B 15 7.40 21.02 22.02
N LEU B 16 7.78 20.60 20.82
CA LEU B 16 7.23 21.15 19.58
C LEU B 16 6.69 19.98 18.79
N VAL B 17 5.38 19.98 18.54
CA VAL B 17 4.68 18.85 17.94
C VAL B 17 4.04 19.31 16.64
N PRO B 18 4.18 18.56 15.54
CA PRO B 18 3.58 19.00 14.28
C PRO B 18 2.14 18.54 14.13
N ALA B 19 1.41 19.29 13.31
CA ALA B 19 0.12 18.82 12.85
C ALA B 19 0.32 17.62 11.93
N SER B 20 -0.78 16.99 11.54
CA SER B 20 -0.71 15.86 10.63
C SER B 20 -2.01 15.75 9.85
N SER B 21 -1.93 15.06 8.72
CA SER B 21 -3.08 14.87 7.84
C SER B 21 -3.23 13.38 7.60
N ALA B 22 -4.42 12.86 7.89
CA ALA B 22 -4.66 11.43 7.83
C ALA B 22 -5.39 11.03 6.55
N ASN B 23 -5.26 9.75 6.20
CA ASN B 23 -5.96 9.07 5.11
C ASN B 23 -5.29 9.32 3.76
N LEU B 24 -5.03 10.57 3.43
CA LEU B 24 -4.34 10.91 2.18
C LEU B 24 -5.01 10.24 0.99
N GLY B 25 -6.35 10.21 1.04
CA GLY B 25 -7.12 9.58 -0.01
C GLY B 25 -7.61 8.20 0.38
N PRO B 26 -7.07 7.17 -0.28
CA PRO B 26 -7.57 5.80 -0.03
C PRO B 26 -7.03 5.14 1.23
N GLY B 27 -6.01 5.70 1.87
CA GLY B 27 -5.39 5.04 3.01
C GLY B 27 -6.15 5.23 4.31
N PHE B 28 -7.45 4.97 4.28
CA PHE B 28 -8.30 5.29 5.42
C PHE B 28 -7.83 4.57 6.69
N ASP B 29 -7.63 5.36 7.75
CA ASP B 29 -7.26 4.93 9.08
C ASP B 29 -5.83 4.39 9.17
N SER B 30 -5.03 4.54 8.11
CA SER B 30 -3.67 4.02 8.11
C SER B 30 -2.63 5.08 7.77
N LEU B 31 -2.80 5.77 6.65
CA LEU B 31 -1.77 6.69 6.19
C LEU B 31 -1.91 8.05 6.87
N GLY B 32 -0.76 8.69 7.09
CA GLY B 32 -0.71 10.02 7.65
C GLY B 32 0.57 10.70 7.23
N ILE B 33 0.58 12.03 7.37
CA ILE B 33 1.77 12.80 7.01
C ILE B 33 1.89 13.98 7.96
N ALA B 34 3.12 14.22 8.42
CA ALA B 34 3.39 15.26 9.40
C ALA B 34 3.68 16.58 8.70
N LEU B 35 3.08 17.66 9.18
CA LEU B 35 3.15 18.96 8.54
C LEU B 35 3.82 19.96 9.45
N SER B 36 4.51 20.92 8.84
CA SER B 36 5.34 21.87 9.60
C SER B 36 4.48 23.05 10.07
N LEU B 37 3.47 22.68 10.85
CA LEU B 37 2.62 23.58 11.62
C LEU B 37 2.61 23.04 13.03
N TYR B 38 3.07 23.85 13.99
CA TYR B 38 3.45 23.34 15.30
C TYR B 38 2.68 23.98 16.44
N ASP B 39 2.43 23.16 17.46
CA ASP B 39 2.07 23.62 18.80
C ASP B 39 3.30 23.52 19.69
N GLU B 40 3.49 24.51 20.55
CA GLU B 40 4.63 24.56 21.45
C GLU B 40 4.14 24.48 22.88
N ILE B 41 4.66 23.52 23.64
CA ILE B 41 4.24 23.25 25.00
C ILE B 41 5.45 23.36 25.91
N GLU B 42 5.36 24.25 26.91
CA GLU B 42 6.39 24.41 27.92
C GLU B 42 5.84 23.89 29.25
N VAL B 43 6.61 23.03 29.90
CA VAL B 43 6.17 22.40 31.14
C VAL B 43 7.26 22.49 32.19
N ASN B 44 6.85 22.74 33.43
CA ASN B 44 7.73 22.75 34.59
C ASN B 44 7.11 21.88 35.68
N THR B 45 7.95 21.13 36.37
CA THR B 45 7.49 20.45 37.58
C THR B 45 7.62 21.42 38.74
N THR B 46 6.67 21.32 39.67
CA THR B 46 6.59 22.20 40.82
C THR B 46 6.28 21.35 42.04
N GLU B 47 6.26 21.99 43.22
CA GLU B 47 6.07 21.25 44.46
C GLU B 47 4.67 20.64 44.51
N SER B 48 3.67 21.35 44.00
CA SER B 48 2.28 20.91 44.07
C SER B 48 1.46 21.65 43.04
N GLY B 49 0.26 21.13 42.77
CA GLY B 49 -0.71 21.84 41.97
C GLY B 49 -0.61 21.59 40.49
N LEU B 50 -1.56 22.20 39.77
CA LEU B 50 -1.63 22.13 38.31
C LEU B 50 -2.11 23.48 37.81
N LYS B 51 -1.29 24.14 36.98
CA LYS B 51 -1.66 25.39 36.34
C LYS B 51 -1.52 25.23 34.84
N VAL B 52 -2.60 25.50 34.11
CA VAL B 52 -2.64 25.34 32.66
C VAL B 52 -3.00 26.69 32.05
N ALA B 53 -2.16 27.17 31.13
CA ALA B 53 -2.44 28.35 30.34
C ALA B 53 -2.33 27.99 28.86
N VAL B 54 -3.26 28.51 28.05
CA VAL B 54 -3.35 28.18 26.64
C VAL B 54 -3.50 29.47 25.83
N GLU B 55 -2.67 29.61 24.80
CA GLU B 55 -2.71 30.73 23.88
C GLU B 55 -2.88 30.24 22.45
N GLY B 56 -3.54 31.04 21.62
CA GLY B 56 -3.70 30.68 20.22
C GLY B 56 -4.89 29.79 19.95
N GLN B 57 -4.70 28.82 19.06
CA GLN B 57 -5.80 27.94 18.66
C GLN B 57 -6.37 27.21 19.87
N GLY B 58 -7.69 27.18 19.96
CA GLY B 58 -8.36 26.53 21.06
C GLY B 58 -8.40 27.31 22.35
N ALA B 59 -7.80 28.50 22.38
CA ALA B 59 -7.83 29.33 23.58
C ALA B 59 -9.26 29.64 24.00
N GLY B 60 -9.59 29.38 25.25
CA GLY B 60 -10.93 29.63 25.74
C GLY B 60 -11.94 28.55 25.47
N GLU B 61 -11.56 27.49 24.75
CA GLU B 61 -12.45 26.37 24.48
C GLU B 61 -11.95 25.07 25.08
N VAL B 62 -10.74 25.01 25.61
CA VAL B 62 -10.19 23.76 26.13
C VAL B 62 -10.20 23.85 27.65
N PRO B 63 -10.37 22.74 28.34
CA PRO B 63 -10.33 22.78 29.81
C PRO B 63 -8.93 23.13 30.30
N LEU B 64 -8.88 23.86 31.40
CA LEU B 64 -7.62 24.25 32.03
C LEU B 64 -7.38 23.48 33.32
N ASP B 65 -7.88 22.25 33.39
CA ASP B 65 -7.73 21.40 34.56
C ASP B 65 -7.12 20.07 34.12
N GLY B 66 -7.22 19.05 34.97
CA GLY B 66 -6.61 17.77 34.68
C GLY B 66 -7.20 17.03 33.51
N SER B 67 -8.36 17.46 33.01
CA SER B 67 -8.96 16.84 31.83
C SER B 67 -8.36 17.37 30.54
N HIS B 68 -7.57 18.43 30.61
CA HIS B 68 -6.84 18.91 29.42
C HIS B 68 -6.03 17.77 28.81
N LEU B 69 -6.14 17.63 27.49
CA LEU B 69 -5.58 16.46 26.83
C LEU B 69 -4.07 16.39 26.99
N VAL B 70 -3.38 17.53 26.93
CA VAL B 70 -1.94 17.49 27.12
C VAL B 70 -1.60 16.99 28.52
N VAL B 71 -2.31 17.49 29.53
CA VAL B 71 -2.06 17.06 30.90
C VAL B 71 -2.36 15.57 31.04
N ARG B 72 -3.47 15.11 30.45
CA ARG B 72 -3.77 13.68 30.47
C ARG B 72 -2.59 12.89 29.91
N ALA B 73 -2.01 13.38 28.81
CA ALA B 73 -0.93 12.64 28.15
C ALA B 73 0.36 12.70 28.96
N ILE B 74 0.65 13.84 29.59
CA ILE B 74 1.83 13.92 30.45
C ILE B 74 1.78 12.83 31.53
N GLU B 75 0.66 12.76 32.25
CA GLU B 75 0.55 11.83 33.37
C GLU B 75 0.52 10.38 32.90
N ARG B 76 -0.09 10.10 31.75
CA ARG B 76 -0.05 8.75 31.20
C ARG B 76 1.40 8.37 30.87
N GLY B 77 2.15 9.30 30.27
CA GLY B 77 3.52 9.02 29.90
C GLY B 77 4.43 8.86 31.10
N LEU B 78 4.32 9.76 32.08
CA LEU B 78 5.11 9.61 33.29
C LEU B 78 4.82 8.27 33.95
N ALA B 79 3.54 7.92 34.12
CA ALA B 79 3.20 6.63 34.71
C ALA B 79 3.84 5.49 33.92
N ALA B 80 3.73 5.55 32.59
CA ALA B 80 4.38 4.53 31.76
C ALA B 80 5.88 4.50 32.00
N GLY B 81 6.47 5.66 32.33
CA GLY B 81 7.88 5.74 32.65
C GLY B 81 8.20 5.48 34.11
N GLY B 82 7.22 5.01 34.88
CA GLY B 82 7.47 4.69 36.28
C GLY B 82 7.67 5.88 37.16
N ALA B 83 7.03 7.01 36.83
CA ALA B 83 7.27 8.26 37.54
C ALA B 83 5.95 8.99 37.74
N ALA B 84 6.01 10.10 38.45
CA ALA B 84 4.85 10.93 38.70
C ALA B 84 5.33 12.35 38.97
N ALA B 85 4.56 13.30 38.54
CA ALA B 85 4.95 14.68 38.77
C ALA B 85 4.37 15.17 40.10
N PRO B 86 5.17 15.81 40.94
CA PRO B 86 4.61 16.39 42.18
C PRO B 86 3.68 17.56 41.90
N GLY B 87 3.88 18.23 40.77
CA GLY B 87 3.06 19.35 40.39
C GLY B 87 3.55 19.85 39.04
N LEU B 88 2.65 20.55 38.35
CA LEU B 88 2.92 20.90 36.97
C LEU B 88 2.46 22.32 36.63
N ILE B 89 3.27 23.00 35.82
CA ILE B 89 2.85 24.18 35.08
C ILE B 89 2.92 23.82 33.60
N VAL B 90 1.84 24.09 32.88
CA VAL B 90 1.73 23.72 31.47
C VAL B 90 1.24 24.94 30.70
N GLN B 91 2.07 25.44 29.78
CA GLN B 91 1.72 26.57 28.94
C GLN B 91 1.80 26.17 27.48
N CYS B 92 0.72 26.40 26.74
CA CYS B 92 0.59 25.99 25.34
C CYS B 92 0.50 27.21 24.43
N HIS B 93 1.33 27.22 23.40
CA HIS B 93 1.20 28.16 22.28
C HIS B 93 0.81 27.33 21.07
N ASN B 94 -0.46 27.40 20.69
CA ASN B 94 -1.01 26.50 19.69
C ASN B 94 -1.15 27.23 18.36
N LYS B 95 -0.62 26.63 17.30
CA LYS B 95 -0.89 27.07 15.94
C LYS B 95 -1.67 26.05 15.12
N ILE B 96 -1.88 24.84 15.62
CA ILE B 96 -2.62 23.83 14.87
C ILE B 96 -4.10 24.08 15.05
N PRO B 97 -4.84 24.47 14.01
CA PRO B 97 -6.27 24.70 14.19
C PRO B 97 -6.99 23.45 14.68
N HIS B 98 -8.02 23.67 15.48
CA HIS B 98 -8.82 22.57 16.02
C HIS B 98 -10.01 22.30 15.11
N SER B 99 -10.46 21.05 15.12
CA SER B 99 -11.68 20.66 14.40
C SER B 99 -11.60 21.06 12.93
N ARG B 100 -10.42 20.88 12.34
CA ARG B 100 -10.21 21.24 10.95
C ARG B 100 -9.64 20.11 10.10
N GLY B 101 -9.37 18.95 10.69
CA GLY B 101 -8.75 17.85 9.97
C GLY B 101 -7.24 17.84 9.97
N LEU B 102 -6.60 18.62 10.84
CA LEU B 102 -5.15 18.74 10.89
C LEU B 102 -4.54 18.12 12.14
N GLY B 103 -5.30 17.28 12.86
CA GLY B 103 -4.75 16.42 13.89
C GLY B 103 -4.33 17.09 15.17
N SER B 104 -5.13 18.02 15.68
CA SER B 104 -4.76 18.73 16.90
C SER B 104 -4.91 17.86 18.14
N SER B 105 -5.91 16.97 18.18
CA SER B 105 -6.05 16.10 19.34
C SER B 105 -4.88 15.14 19.46
N ALA B 106 -4.51 14.49 18.36
CA ALA B 106 -3.36 13.58 18.39
C ALA B 106 -2.09 14.35 18.72
N ALA B 107 -1.94 15.55 18.15
CA ALA B 107 -0.77 16.36 18.44
C ALA B 107 -0.69 16.70 19.93
N ALA B 108 -1.84 16.94 20.57
CA ALA B 108 -1.86 17.23 22.00
C ALA B 108 -1.39 16.02 22.80
N ALA B 109 -1.87 14.83 22.47
CA ALA B 109 -1.43 13.64 23.18
C ALA B 109 0.06 13.39 22.96
N VAL B 110 0.52 13.49 21.70
CA VAL B 110 1.94 13.29 21.42
C VAL B 110 2.77 14.33 22.16
N ALA B 111 2.30 15.57 22.24
CA ALA B 111 3.02 16.61 22.96
C ALA B 111 3.15 16.26 24.44
N GLY B 112 2.05 15.85 25.06
CA GLY B 112 2.09 15.47 26.45
C GLY B 112 3.01 14.30 26.71
N LEU B 113 3.01 13.30 25.81
CA LEU B 113 3.93 12.18 25.94
C LEU B 113 5.37 12.63 25.72
N GLY B 114 5.60 13.52 24.75
CA GLY B 114 6.91 14.11 24.61
C GLY B 114 7.34 14.85 25.87
N VAL B 115 6.42 15.58 26.50
CA VAL B 115 6.74 16.26 27.75
C VAL B 115 7.22 15.26 28.79
N ALA B 116 6.54 14.12 28.92
CA ALA B 116 6.98 13.12 29.88
C ALA B 116 8.40 12.65 29.57
N ASN B 117 8.70 12.40 28.29
CA ASN B 117 10.05 11.98 27.94
C ASN B 117 11.07 13.06 28.29
N GLY B 118 10.69 14.33 28.13
CA GLY B 118 11.59 15.41 28.50
C GLY B 118 11.85 15.45 30.00
N LEU B 119 10.80 15.30 30.80
CA LEU B 119 10.97 15.35 32.25
C LEU B 119 11.72 14.13 32.76
N LEU B 120 11.38 12.94 32.23
CA LEU B 120 12.11 11.73 32.60
C LEU B 120 13.59 11.89 32.30
N ALA B 121 13.92 12.39 31.11
CA ALA B 121 15.33 12.56 30.74
C ALA B 121 16.05 13.50 31.70
N LYS B 122 15.47 14.66 31.95
CA LYS B 122 16.13 15.62 32.85
C LYS B 122 16.16 15.14 34.29
N ALA B 123 15.35 14.15 34.64
CA ALA B 123 15.45 13.47 35.92
C ALA B 123 16.34 12.25 35.84
N GLY B 124 17.07 12.06 34.74
CA GLY B 124 17.98 10.96 34.60
C GLY B 124 17.33 9.59 34.55
N ARG B 125 16.14 9.49 33.97
CA ARG B 125 15.41 8.24 33.85
C ARG B 125 15.27 7.86 32.38
N ALA B 126 14.94 6.60 32.14
CA ALA B 126 14.77 6.15 30.76
C ALA B 126 13.54 6.81 30.16
N VAL B 127 13.65 7.22 28.90
CA VAL B 127 12.53 7.80 28.18
C VAL B 127 11.72 6.68 27.55
N LEU B 128 10.53 7.01 27.06
CA LEU B 128 9.70 6.04 26.37
C LEU B 128 10.13 5.94 24.91
N SER B 129 10.21 4.71 24.40
CA SER B 129 10.59 4.50 23.02
C SER B 129 9.53 5.07 22.08
N ASP B 130 9.94 5.29 20.82
CA ASP B 130 9.01 5.75 19.80
C ASP B 130 7.85 4.78 19.64
N ASP B 131 8.12 3.47 19.72
CA ASP B 131 7.03 2.50 19.62
C ASP B 131 6.01 2.69 20.74
N VAL B 132 6.49 2.98 21.97
CA VAL B 132 5.59 3.22 23.09
C VAL B 132 4.84 4.53 22.91
N LEU B 133 5.53 5.58 22.46
CA LEU B 133 4.85 6.84 22.16
C LEU B 133 3.70 6.64 21.18
N VAL B 134 3.96 5.89 20.10
CA VAL B 134 2.91 5.65 19.12
C VAL B 134 1.76 4.89 19.76
N GLN B 135 2.09 3.85 20.53
CA GLN B 135 1.05 3.07 21.20
C GLN B 135 0.16 3.95 22.06
N LEU B 136 0.77 4.75 22.94
CA LEU B 136 -0.01 5.50 23.93
C LEU B 136 -0.79 6.63 23.28
N ALA B 137 -0.17 7.35 22.33
CA ALA B 137 -0.88 8.43 21.66
C ALA B 137 -2.08 7.88 20.89
N SER B 138 -1.91 6.74 20.22
CA SER B 138 -3.02 6.18 19.45
C SER B 138 -4.18 5.78 20.35
N GLU B 139 -3.88 5.33 21.57
CA GLU B 139 -4.95 4.97 22.51
C GLU B 139 -5.84 6.17 22.82
N PHE B 140 -5.28 7.38 22.87
CA PHE B 140 -6.10 8.56 23.08
C PHE B 140 -7.05 8.80 21.90
N GLU B 141 -6.57 8.52 20.68
CA GLU B 141 -7.30 8.82 19.46
C GLU B 141 -8.27 7.73 19.04
N GLY B 142 -7.99 6.47 19.36
CA GLY B 142 -8.75 5.38 18.80
C GLY B 142 -8.27 4.92 17.43
N HIS B 143 -7.22 5.52 16.89
CA HIS B 143 -6.67 5.14 15.60
C HIS B 143 -5.26 5.71 15.53
N PRO B 144 -4.33 5.04 14.84
CA PRO B 144 -2.92 5.41 14.95
C PRO B 144 -2.38 6.35 13.88
N ASP B 145 -3.18 6.81 12.91
CA ASP B 145 -2.57 7.46 11.73
C ASP B 145 -2.08 8.87 12.07
N ASN B 146 -2.95 9.71 12.66
CA ASN B 146 -2.47 11.03 13.09
C ASN B 146 -1.38 10.93 14.15
N ALA B 147 -1.58 10.05 15.14
CA ALA B 147 -0.62 9.98 16.23
C ALA B 147 0.76 9.57 15.74
N ALA B 148 0.81 8.50 14.93
CA ALA B 148 2.10 8.03 14.41
C ALA B 148 2.81 9.11 13.60
N ALA B 149 2.06 9.86 12.79
CA ALA B 149 2.68 10.92 12.00
C ALA B 149 3.31 11.97 12.90
N SER B 150 2.61 12.39 13.96
CA SER B 150 3.14 13.40 14.85
C SER B 150 4.34 12.89 15.63
N VAL B 151 4.36 11.60 15.97
CA VAL B 151 5.51 11.04 16.67
C VAL B 151 6.70 10.88 15.73
N LEU B 152 6.47 10.22 14.59
CA LEU B 152 7.56 9.76 13.74
C LEU B 152 7.99 10.76 12.68
N GLY B 153 7.12 11.68 12.30
CA GLY B 153 7.42 12.59 11.21
C GLY B 153 7.28 11.89 9.86
N GLY B 154 7.55 12.66 8.81
CA GLY B 154 7.44 12.16 7.46
C GLY B 154 6.02 11.71 7.16
N ALA B 155 5.91 10.76 6.23
CA ALA B 155 4.67 10.04 6.01
C ALA B 155 4.75 8.68 6.69
N VAL B 156 3.61 8.18 7.15
CA VAL B 156 3.56 6.94 7.89
C VAL B 156 2.53 6.01 7.30
N VAL B 157 2.82 4.72 7.41
CA VAL B 157 1.82 3.66 7.29
C VAL B 157 1.63 3.11 8.70
N SER B 158 0.42 3.22 9.22
CA SER B 158 0.10 2.76 10.57
C SER B 158 -0.92 1.63 10.49
N TRP B 159 -1.03 0.88 11.58
CA TRP B 159 -1.91 -0.26 11.63
C TRP B 159 -2.19 -0.64 13.07
N SER B 160 -3.19 -1.51 13.25
CA SER B 160 -3.54 -2.03 14.56
C SER B 160 -3.67 -3.55 14.50
N GLU B 161 -3.41 -4.18 15.65
CA GLU B 161 -3.55 -5.62 15.86
C GLU B 161 -4.42 -5.85 17.09
N THR B 162 -5.28 -6.86 17.04
CA THR B 162 -6.21 -7.09 18.16
C THR B 162 -6.05 -8.48 18.78
N THR B 166 -6.77 -5.11 24.65
CA THR B 166 -5.76 -4.08 24.48
C THR B 166 -5.19 -4.04 23.07
N PRO B 167 -5.67 -3.09 22.25
CA PRO B 167 -5.17 -3.02 20.87
C PRO B 167 -3.72 -2.58 20.82
N ILE B 168 -2.98 -3.16 19.87
CA ILE B 168 -1.62 -2.72 19.58
C ILE B 168 -1.68 -1.76 18.40
N TYR B 169 -1.02 -0.61 18.53
CA TYR B 169 -0.92 0.38 17.48
C TYR B 169 0.55 0.55 17.12
N ALA B 170 0.84 0.58 15.83
CA ALA B 170 2.21 0.66 15.35
C ALA B 170 2.25 1.35 14.00
N ALA B 171 3.44 1.72 13.58
CA ALA B 171 3.60 2.46 12.34
C ALA B 171 5.04 2.37 11.88
N THR B 172 5.24 2.71 10.60
CA THR B 172 6.56 2.77 9.98
C THR B 172 6.60 4.02 9.11
N ARG B 173 7.77 4.63 9.06
CA ARG B 173 7.93 5.95 8.45
C ARG B 173 8.41 5.80 7.02
N LEU B 174 7.78 6.53 6.11
CA LEU B 174 8.20 6.56 4.72
C LEU B 174 9.03 7.81 4.46
N ASP B 175 9.97 7.70 3.54
CA ASP B 175 10.77 8.84 3.10
C ASP B 175 10.04 9.49 1.93
N VAL B 176 9.36 10.60 2.21
CA VAL B 176 8.61 11.28 1.16
C VAL B 176 9.57 11.78 0.09
N HIS B 177 9.16 11.63 -1.16
CA HIS B 177 9.98 12.12 -2.27
C HIS B 177 10.27 13.60 -2.10
N PRO B 178 11.51 14.06 -2.28
CA PRO B 178 11.81 15.48 -2.00
C PRO B 178 11.10 16.46 -2.91
N ASP B 179 10.61 16.04 -4.07
CA ASP B 179 9.91 16.96 -4.95
C ASP B 179 8.45 17.15 -4.55
N ILE B 180 7.99 16.51 -3.48
CA ILE B 180 6.60 16.61 -3.04
C ILE B 180 6.49 17.70 -1.99
N LYS B 181 5.66 18.69 -2.27
CA LYS B 181 5.39 19.79 -1.36
C LYS B 181 3.89 19.87 -1.12
N ILE B 182 3.54 20.15 0.12
CA ILE B 182 2.16 20.11 0.59
C ILE B 182 1.60 21.52 0.68
N VAL B 183 0.38 21.69 0.21
CA VAL B 183 -0.41 22.90 0.43
C VAL B 183 -1.70 22.47 1.09
N ALA B 184 -2.02 23.12 2.22
CA ALA B 184 -3.27 22.87 2.91
C ALA B 184 -4.26 23.99 2.62
N ALA B 185 -5.47 23.61 2.23
CA ALA B 185 -6.59 24.54 2.11
C ALA B 185 -7.37 24.44 3.42
N ILE B 186 -7.30 25.49 4.23
CA ILE B 186 -7.81 25.47 5.59
C ILE B 186 -8.99 26.43 5.68
N PRO B 187 -10.20 25.95 5.97
CA PRO B 187 -11.33 26.85 6.16
C PRO B 187 -11.45 27.32 7.60
N GLU B 188 -12.48 28.11 7.89
CA GLU B 188 -12.79 28.52 9.25
C GLU B 188 -13.86 27.60 9.84
N THR B 196 -22.18 18.37 9.43
CA THR B 196 -20.78 18.15 9.10
C THR B 196 -20.34 16.72 9.40
N ARG B 197 -20.98 16.09 10.37
CA ARG B 197 -20.69 14.71 10.75
C ARG B 197 -21.52 13.75 9.91
N VAL B 198 -20.88 12.67 9.45
CA VAL B 198 -21.60 11.59 8.80
C VAL B 198 -21.07 10.27 9.32
N LEU B 199 -21.98 9.33 9.52
CA LEU B 199 -21.61 7.95 9.84
C LEU B 199 -21.29 7.24 8.53
N LEU B 200 -20.08 6.70 8.42
CA LEU B 200 -19.69 6.03 7.18
C LEU B 200 -20.47 4.72 7.03
N PRO B 201 -20.64 4.25 5.79
CA PRO B 201 -21.38 3.00 5.59
C PRO B 201 -20.73 1.84 6.33
N GLN B 202 -21.58 0.97 6.84
CA GLN B 202 -21.11 -0.21 7.57
C GLN B 202 -20.47 -1.23 6.64
N ALA B 203 -21.01 -1.38 5.43
CA ALA B 203 -20.50 -2.32 4.45
C ALA B 203 -20.19 -1.60 3.14
N VAL B 204 -19.20 -2.13 2.42
CA VAL B 204 -18.81 -1.64 1.11
C VAL B 204 -18.73 -2.85 0.18
N THR B 205 -18.91 -2.61 -1.11
CA THR B 205 -18.78 -3.72 -2.05
C THR B 205 -17.34 -4.22 -2.06
N HIS B 206 -17.19 -5.52 -2.35
CA HIS B 206 -15.87 -6.06 -2.58
C HIS B 206 -15.15 -5.26 -3.66
N VAL B 207 -15.90 -4.83 -4.68
CA VAL B 207 -15.30 -4.08 -5.78
C VAL B 207 -14.66 -2.80 -5.26
N ASP B 208 -15.36 -2.06 -4.41
CA ASP B 208 -14.82 -0.81 -3.89
C ASP B 208 -13.64 -1.07 -2.96
N ALA B 209 -13.65 -2.18 -2.21
CA ALA B 209 -12.51 -2.52 -1.39
C ALA B 209 -11.28 -2.84 -2.23
N ARG B 210 -11.44 -3.59 -3.31
CA ARG B 210 -10.31 -3.87 -4.19
C ARG B 210 -9.77 -2.59 -4.81
N PHE B 211 -10.65 -1.65 -5.13
CA PHE B 211 -10.22 -0.38 -5.67
C PHE B 211 -9.31 0.36 -4.69
N ASN B 212 -9.78 0.55 -3.45
CA ASN B 212 -8.95 1.25 -2.48
C ASN B 212 -7.67 0.48 -2.18
N ILE B 213 -7.74 -0.85 -2.21
CA ILE B 213 -6.53 -1.65 -2.03
C ILE B 213 -5.49 -1.31 -3.09
N SER B 214 -5.88 -1.29 -4.37
CA SER B 214 -4.90 -1.00 -5.39
C SER B 214 -4.37 0.42 -5.26
N ARG B 215 -5.22 1.37 -4.85
CA ARG B 215 -4.79 2.76 -4.82
C ARG B 215 -3.91 3.07 -3.61
N VAL B 216 -4.17 2.47 -2.44
CA VAL B 216 -3.31 2.77 -1.31
C VAL B 216 -1.94 2.10 -1.48
N ALA B 217 -1.92 0.89 -2.05
CA ALA B 217 -0.65 0.30 -2.44
C ALA B 217 0.10 1.21 -3.40
N LEU B 218 -0.62 1.81 -4.37
CA LEU B 218 0.03 2.74 -5.28
C LEU B 218 0.50 4.00 -4.57
N LEU B 219 -0.25 4.44 -3.55
CA LEU B 219 0.08 5.70 -2.89
C LEU B 219 1.43 5.65 -2.20
N THR B 220 1.78 4.51 -1.58
CA THR B 220 3.08 4.42 -0.93
C THR B 220 4.21 4.57 -1.95
N VAL B 221 3.99 4.10 -3.18
CA VAL B 221 4.98 4.29 -4.24
C VAL B 221 5.00 5.74 -4.70
N ALA B 222 3.82 6.36 -4.78
CA ALA B 222 3.74 7.73 -5.29
C ALA B 222 4.33 8.71 -4.28
N LEU B 223 4.16 8.44 -2.99
CA LEU B 223 4.71 9.31 -1.96
C LEU B 223 6.23 9.23 -1.90
N THR B 224 6.81 8.10 -2.29
CA THR B 224 8.23 7.82 -2.09
C THR B 224 9.05 7.85 -3.37
N ALA B 225 8.57 7.27 -4.46
CA ALA B 225 9.38 7.16 -5.66
C ALA B 225 8.78 7.79 -6.90
N ARG B 226 7.46 7.78 -7.06
CA ARG B 226 6.82 8.17 -8.31
C ARG B 226 5.73 9.21 -8.07
N PRO B 227 6.12 10.45 -7.75
CA PRO B 227 5.10 11.49 -7.53
C PRO B 227 4.23 11.77 -8.74
N ASP B 228 4.66 11.35 -9.95
CA ASP B 228 3.82 11.50 -11.13
C ASP B 228 2.55 10.67 -11.06
N LEU B 229 2.46 9.73 -10.11
CA LEU B 229 1.28 8.89 -9.95
C LEU B 229 0.34 9.38 -8.85
N LEU B 230 0.55 10.58 -8.31
CA LEU B 230 -0.24 11.00 -7.15
C LEU B 230 -1.72 11.13 -7.48
N MET B 231 -2.06 11.56 -8.69
CA MET B 231 -3.47 11.70 -9.04
C MET B 231 -4.20 10.37 -8.93
N THR B 232 -3.69 9.35 -9.63
CA THR B 232 -4.33 8.03 -9.59
C THR B 232 -4.32 7.46 -8.18
N ALA B 233 -3.21 7.63 -7.47
CA ALA B 233 -3.05 7.00 -6.17
C ALA B 233 -3.86 7.67 -5.06
N THR B 234 -4.40 8.86 -5.27
CA THR B 234 -5.18 9.53 -4.22
C THR B 234 -6.69 9.42 -4.46
N GLU B 235 -7.11 8.59 -5.41
CA GLU B 235 -8.51 8.30 -5.60
C GLU B 235 -9.01 7.39 -4.48
N ASP B 236 -10.29 7.58 -4.13
CA ASP B 236 -10.88 6.90 -2.99
C ASP B 236 -12.35 6.66 -3.23
N ARG B 237 -12.84 5.55 -2.69
CA ARG B 237 -14.27 5.25 -2.71
C ARG B 237 -14.87 4.99 -1.33
N LEU B 238 -14.05 4.92 -0.27
CA LEU B 238 -14.54 4.43 1.00
C LEU B 238 -14.84 5.50 2.04
N HIS B 239 -14.46 6.76 1.83
CA HIS B 239 -14.89 7.78 2.79
C HIS B 239 -15.08 9.18 2.23
N GLN B 240 -14.29 9.58 1.23
CA GLN B 240 -14.41 10.95 0.75
C GLN B 240 -15.74 11.21 0.05
N PRO B 241 -16.22 10.35 -0.85
CA PRO B 241 -17.53 10.66 -1.46
C PRO B 241 -18.65 10.70 -0.46
N GLN B 242 -18.60 9.86 0.58
CA GLN B 242 -19.67 9.82 1.57
C GLN B 242 -19.67 11.05 2.46
N ARG B 243 -18.52 11.69 2.62
CA ARG B 243 -18.39 12.89 3.44
C ARG B 243 -18.63 14.16 2.64
N ALA B 244 -18.86 14.05 1.33
CA ALA B 244 -19.01 15.23 0.48
C ALA B 244 -20.27 16.01 0.87
N SER B 245 -21.38 15.30 1.06
CA SER B 245 -22.66 15.99 1.24
C SER B 245 -22.66 16.82 2.52
N ALA B 246 -22.03 16.33 3.58
CA ALA B 246 -22.02 17.05 4.85
C ALA B 246 -21.00 18.19 4.87
N MET B 247 -20.09 18.25 3.90
CA MET B 247 -19.08 19.31 3.83
C MET B 247 -18.99 19.81 2.40
N PRO B 248 -20.03 20.51 1.93
CA PRO B 248 -20.09 20.82 0.49
C PRO B 248 -18.92 21.67 0.00
N ALA B 249 -18.46 22.64 0.81
CA ALA B 249 -17.41 23.54 0.34
C ALA B 249 -16.08 22.80 0.24
N SER B 250 -15.79 21.89 1.19
CA SER B 250 -14.60 21.07 1.09
C SER B 250 -14.67 20.18 -0.15
N ALA B 251 -15.82 19.54 -0.37
CA ALA B 251 -15.98 18.68 -1.53
C ALA B 251 -15.81 19.47 -2.82
N ASP B 252 -16.29 20.72 -2.85
CA ASP B 252 -16.14 21.55 -4.04
C ASP B 252 -14.69 21.90 -4.29
N VAL B 253 -13.97 22.32 -3.24
CA VAL B 253 -12.55 22.62 -3.39
C VAL B 253 -11.78 21.36 -3.78
N LEU B 254 -12.11 20.24 -3.14
CA LEU B 254 -11.48 18.97 -3.50
C LEU B 254 -11.74 18.63 -4.97
N ALA B 255 -13.02 18.66 -5.38
CA ALA B 255 -13.34 18.30 -6.76
C ALA B 255 -12.68 19.25 -7.75
N TYR B 256 -12.68 20.55 -7.44
CA TYR B 256 -12.11 21.51 -8.38
C TYR B 256 -10.60 21.31 -8.52
N LEU B 257 -9.89 21.13 -7.40
CA LEU B 257 -8.44 20.93 -7.49
C LEU B 257 -8.12 19.69 -8.31
N ARG B 258 -8.84 18.60 -8.10
CA ARG B 258 -8.57 17.39 -8.87
C ARG B 258 -8.89 17.60 -10.34
N SER B 259 -9.94 18.37 -10.66
CA SER B 259 -10.25 18.65 -12.05
C SER B 259 -9.15 19.42 -12.75
N GLN B 260 -8.33 20.15 -11.99
CA GLN B 260 -7.23 20.91 -12.55
C GLN B 260 -5.91 20.15 -12.49
N GLY B 261 -5.94 18.85 -12.21
CA GLY B 261 -4.73 18.07 -12.15
C GLY B 261 -3.97 18.13 -10.85
N VAL B 262 -4.62 18.54 -9.76
CA VAL B 262 -3.97 18.65 -8.46
C VAL B 262 -4.39 17.45 -7.62
N ALA B 263 -3.41 16.68 -7.13
CA ALA B 263 -3.70 15.51 -6.30
C ALA B 263 -4.18 15.98 -4.94
N ALA B 264 -5.48 16.23 -4.82
CA ALA B 264 -6.09 16.76 -3.61
C ALA B 264 -6.85 15.66 -2.89
N VAL B 265 -6.80 15.70 -1.56
CA VAL B 265 -7.50 14.75 -0.71
C VAL B 265 -8.08 15.50 0.48
N LEU B 266 -9.08 14.87 1.12
CA LEU B 266 -9.53 15.33 2.41
C LEU B 266 -8.43 15.15 3.44
N SER B 267 -8.22 16.18 4.26
CA SER B 267 -7.29 16.10 5.39
C SER B 267 -8.03 15.43 6.54
N GLY B 268 -7.74 14.15 6.76
CA GLY B 268 -8.50 13.40 7.74
C GLY B 268 -9.92 13.24 7.24
N ALA B 269 -10.88 13.65 8.07
CA ALA B 269 -12.28 13.72 7.69
C ALA B 269 -12.68 15.09 7.17
N GLY B 270 -11.72 15.97 6.93
CA GLY B 270 -12.01 17.34 6.56
C GLY B 270 -12.32 18.16 7.79
N PRO B 271 -12.74 19.43 7.61
CA PRO B 271 -13.04 20.10 6.33
C PRO B 271 -11.82 20.60 5.56
N ALA B 272 -10.63 20.60 6.17
CA ALA B 272 -9.46 21.03 5.42
C ALA B 272 -9.18 20.07 4.27
N VAL B 273 -8.54 20.58 3.24
CA VAL B 273 -8.20 19.80 2.06
C VAL B 273 -6.72 19.91 1.82
N LEU B 274 -6.08 18.78 1.54
CA LEU B 274 -4.64 18.71 1.35
C LEU B 274 -4.33 18.52 -0.13
N ALA B 275 -3.36 19.29 -0.63
CA ALA B 275 -2.87 19.12 -1.99
C ALA B 275 -1.46 18.55 -1.94
N LEU B 276 -1.26 17.40 -2.57
CA LEU B 276 0.04 16.75 -2.68
C LEU B 276 0.61 17.14 -4.04
N THR B 277 1.49 18.14 -4.04
CA THR B 277 1.97 18.79 -5.24
C THR B 277 3.45 18.52 -5.49
N THR B 278 3.83 18.59 -6.77
CA THR B 278 5.23 18.70 -7.17
C THR B 278 5.53 20.07 -7.77
N VAL B 279 4.51 20.88 -8.05
CA VAL B 279 4.67 22.27 -8.45
C VAL B 279 3.63 23.12 -7.73
N ASP B 280 3.94 24.41 -7.62
CA ASP B 280 3.02 25.35 -6.98
C ASP B 280 1.66 25.31 -7.66
N LEU B 281 0.63 25.67 -6.90
CA LEU B 281 -0.75 25.58 -7.36
C LEU B 281 -1.01 26.57 -8.50
N PRO B 282 -1.89 26.21 -9.44
CA PRO B 282 -2.28 27.17 -10.48
C PRO B 282 -2.72 28.50 -9.88
N ASP B 283 -2.49 29.56 -10.65
CA ASP B 283 -2.95 30.89 -10.23
C ASP B 283 -4.46 30.89 -10.01
N SER B 284 -5.20 30.16 -10.85
CA SER B 284 -6.65 30.12 -10.74
C SER B 284 -7.12 29.34 -9.53
N ALA B 285 -6.55 28.15 -9.31
CA ALA B 285 -7.00 27.31 -8.20
C ALA B 285 -6.81 28.01 -6.87
N VAL B 286 -5.69 28.71 -6.68
CA VAL B 286 -5.48 29.46 -5.45
C VAL B 286 -6.64 30.41 -5.23
N LYS B 287 -7.13 31.06 -6.30
CA LYS B 287 -8.24 31.97 -6.17
C LYS B 287 -9.56 31.23 -5.91
N TYR B 288 -9.74 30.06 -6.52
CA TYR B 288 -10.99 29.33 -6.31
C TYR B 288 -11.13 28.86 -4.87
N ALA B 289 -10.05 28.36 -4.28
CA ALA B 289 -10.07 27.96 -2.88
C ALA B 289 -10.44 29.14 -1.99
N GLU B 290 -9.76 30.27 -2.17
CA GLU B 290 -10.03 31.43 -1.34
C GLU B 290 -11.47 31.90 -1.51
N ASP B 291 -11.99 31.91 -2.74
CA ASP B 291 -13.38 32.28 -2.97
C ASP B 291 -14.34 31.37 -2.20
N GLN B 292 -13.94 30.11 -1.97
CA GLN B 292 -14.78 29.19 -1.22
C GLN B 292 -14.62 29.32 0.29
N GLY B 293 -13.74 30.20 0.75
CA GLY B 293 -13.52 30.41 2.17
C GLY B 293 -12.29 29.76 2.75
N PHE B 294 -11.36 29.29 1.93
CA PHE B 294 -10.22 28.52 2.37
C PHE B 294 -8.94 29.34 2.23
N SER B 295 -8.13 29.34 3.27
CA SER B 295 -6.78 29.89 3.19
C SER B 295 -5.83 28.80 2.73
N LEU B 296 -4.96 29.14 1.79
CA LEU B 296 -4.01 28.19 1.24
C LEU B 296 -2.65 28.42 1.90
N VAL B 297 -2.20 27.42 2.65
CA VAL B 297 -0.98 27.50 3.43
C VAL B 297 0.00 26.47 2.91
N ALA B 298 1.17 26.92 2.47
CA ALA B 298 2.22 26.03 1.99
C ALA B 298 2.97 25.45 3.17
N MET B 299 3.16 24.13 3.16
CA MET B 299 3.79 23.45 4.29
C MET B 299 4.76 22.39 3.81
N ALA B 300 5.85 22.24 4.57
CA ALA B 300 6.82 21.20 4.32
C ALA B 300 6.50 19.97 5.17
N VAL B 301 6.92 18.80 4.68
CA VAL B 301 6.89 17.60 5.50
C VAL B 301 7.77 17.82 6.72
N SER B 302 7.24 17.51 7.89
CA SER B 302 7.94 17.81 9.13
C SER B 302 8.55 16.54 9.71
N ALA B 303 9.59 16.73 10.53
CA ALA B 303 10.03 15.67 11.41
C ALA B 303 9.00 15.51 12.53
N GLY B 304 9.21 14.51 13.38
CA GLY B 304 8.29 14.25 14.46
C GLY B 304 8.43 15.23 15.60
N VAL B 305 7.71 14.92 16.69
CA VAL B 305 7.72 15.75 17.89
C VAL B 305 9.16 16.01 18.33
N SER B 306 9.42 17.23 18.75
CA SER B 306 10.72 17.64 19.27
C SER B 306 10.64 17.90 20.76
N VAL B 307 11.59 17.36 21.51
CA VAL B 307 11.63 17.47 22.97
C VAL B 307 12.99 18.04 23.36
N ARG B 308 12.99 19.08 24.18
CA ARG B 308 14.24 19.60 24.73
C ARG B 308 14.07 20.12 26.16
PG ANP C . -4.29 -20.01 -11.55
O1G ANP C . -3.50 -18.95 -10.93
O2G ANP C . -4.84 -20.99 -10.45
O3G ANP C . -5.49 -19.36 -12.35
PB ANP C . -3.47 -20.86 -14.23
O1B ANP C . -3.73 -19.52 -14.77
O2B ANP C . -2.06 -21.34 -14.73
N3B ANP C . -3.42 -20.87 -12.62
PA ANP C . -6.07 -21.75 -15.04
O1A ANP C . -6.91 -22.68 -14.26
O2A ANP C . -6.39 -20.26 -14.84
O3A ANP C . -4.53 -21.93 -14.72
O5' ANP C . -6.29 -22.07 -16.59
C5' ANP C . -5.82 -23.28 -17.19
C4' ANP C . -6.31 -23.28 -18.62
O4' ANP C . -5.97 -22.02 -19.24
C3' ANP C . -5.78 -24.36 -19.55
O3' ANP C . -6.61 -25.52 -19.51
C2' ANP C . -5.82 -23.67 -20.92
O2' ANP C . -7.13 -23.67 -21.46
C1' ANP C . -5.40 -22.25 -20.52
N9 ANP C . -3.96 -22.11 -20.39
C8 ANP C . -3.27 -21.95 -19.21
N7 ANP C . -1.96 -21.95 -19.35
C5 ANP C . -1.78 -22.12 -20.72
C6 ANP C . -0.62 -22.21 -21.51
N6 ANP C . 0.61 -22.17 -21.01
N1 ANP C . -0.78 -22.37 -22.83
C2 ANP C . -2.02 -22.43 -23.33
N3 ANP C . -3.18 -22.36 -22.68
C4 ANP C . -3.00 -22.21 -21.37
HOG2 ANP C . -4.78 -20.73 -9.49
HOG3 ANP C . -6.09 -18.65 -11.98
HOB2 ANP C . -1.48 -22.00 -14.26
HNB1 ANP C . -2.75 -21.51 -12.20
HOA2 ANP C . -7.22 -19.73 -15.00
H5'1 ANP C . -6.19 -24.09 -16.57
H5'2 ANP C . -4.73 -23.26 -17.08
H4' ANP C . -7.39 -23.28 -18.64
H3' ANP C . -4.77 -24.67 -19.26
H2' ANP C . -5.10 -24.11 -21.60
HO2' ANP C . -7.03 -23.98 -22.40
H1' ANP C . -5.79 -21.50 -21.20
H8 ANP C . -3.78 -21.83 -18.26
HN61 ANP C . 1.41 -22.24 -21.63
HN62 ANP C . 0.75 -22.06 -20.01
H2 ANP C . -2.08 -22.55 -24.41
CL CL D . -7.27 -28.79 -0.33
PG ANP E . -9.32 16.43 13.06
O1G ANP E . -9.13 15.11 12.49
O2G ANP E . -7.99 17.22 12.88
O3G ANP E . -10.47 17.19 12.30
PB ANP E . -8.77 16.92 15.91
O1B ANP E . -7.61 16.07 16.16
O2B ANP E . -8.29 18.40 15.63
N3B ANP E . -9.66 16.40 14.64
PA ANP E . -11.16 17.78 17.24
O1A ANP E . -11.05 19.14 16.69
O2A ANP E . -12.27 16.87 16.70
O3A ANP E . -9.79 16.99 17.11
O5' ANP E . -11.24 17.82 18.82
C5' ANP E . -11.45 19.10 19.45
C4' ANP E . -11.36 18.90 20.95
O4' ANP E . -10.19 18.12 21.24
C3' ANP E . -11.18 20.21 21.73
O3' ANP E . -12.44 20.75 22.11
C2' ANP E . -10.38 19.74 22.94
O2' ANP E . -11.19 19.13 23.94
C1' ANP E . -9.45 18.71 22.30
N9 ANP E . -8.21 19.25 21.76
C8 ANP E . -7.79 19.27 20.45
N7 ANP E . -6.62 19.83 20.27
C5 ANP E . -6.24 20.21 21.55
C6 ANP E . -5.11 20.89 22.05
N6 ANP E . -4.08 21.25 21.30
N1 ANP E . -5.07 21.15 23.37
C2 ANP E . -6.09 20.75 24.15
N3 ANP E . -7.20 20.09 23.79
C4 ANP E . -7.21 19.86 22.47
HOG2 ANP E . -7.42 17.07 12.07
HOG3 ANP E . -11.21 16.73 11.81
HOB2 ANP E . -8.40 18.89 14.77
HNB1 ANP E . -10.57 16.00 14.88
HOA2 ANP E . -13.22 17.06 16.48
H5'1 ANP E . -12.42 19.43 19.08
H5'2 ANP E . -10.69 19.76 19.02
H4' ANP E . -12.19 18.32 21.33
H3' ANP E . -10.67 20.95 21.12
HO3' ANP E . -12.39 21.74 22.04
H2' ANP E . -9.82 20.58 23.36
HO2' ANP E . -11.08 19.67 24.76
H1' ANP E . -9.17 17.92 23.01
H8 ANP E . -8.40 18.86 19.64
HN61 ANP E . -4.07 21.05 20.31
HN62 ANP E . -3.30 21.74 21.73
H2 ANP E . -5.99 20.99 25.20
#